data_5E72
#
_entry.id   5E72
#
_cell.length_a   47.602
_cell.length_b   53.688
_cell.length_c   134.787
_cell.angle_alpha   90.000
_cell.angle_beta   90.000
_cell.angle_gamma   90.000
#
_symmetry.space_group_name_H-M   'P 21 21 21'
#
loop_
_entity.id
_entity.type
_entity.pdbx_description
1 polymer 'N2, N2-dimethylguanosine tRNA methyltransferase'
2 non-polymer S-ADENOSYLMETHIONINE
3 water water
#
_entity_poly.entity_id   1
_entity_poly.type   'polypeptide(L)'
_entity_poly.pdbx_seq_one_letter_code
;MLYVEILGNLPEMARDEVKAMLELGGGEIIGQDYLFLKVDAGEKAFPFLDRLGLAHEYGLLLVEADSVEELLQKAGEVEW
PIKGAFKVDTETMANCRHDVLDLPRKLGAVIHAQGFRVNLSKPDTVVRVYCGERLYAGIRLRYFDPKDFEKRKAHHRPFF
RPISLHPRVSRALVNLTKATREILDPFMGAGGILIEAGLLGLRVYGVDIRPEMVEGAETNLKHYGVRDYTLKLGDATRLE
DLFPDKKFEAVATDPPYGTAATLAGRKRDELYRKALRSIYNVLEDGGRLAIAFPTDFNGKAEAEAVGFRTLGRYYQRVHK
SLERYFYVFEKLEVLFQGPSHHHHHH
;
_entity_poly.pdbx_strand_id   A
#
# COMPACT_ATOMS: atom_id res chain seq x y z
N MET A 1 -4.59 20.54 1.24
CA MET A 1 -4.55 19.48 2.24
C MET A 1 -5.33 18.25 1.78
N LEU A 2 -4.78 17.07 2.04
CA LEU A 2 -5.48 15.82 1.71
C LEU A 2 -5.76 15.03 2.97
N TYR A 3 -6.51 13.93 2.83
CA TYR A 3 -6.65 12.95 3.90
C TYR A 3 -6.48 11.56 3.30
N VAL A 4 -6.01 10.62 4.12
CA VAL A 4 -6.03 9.21 3.77
C VAL A 4 -6.61 8.44 4.95
N GLU A 5 -7.54 7.52 4.68
CA GLU A 5 -8.01 6.60 5.70
C GLU A 5 -7.28 5.27 5.53
N ILE A 6 -6.60 4.80 6.58
CA ILE A 6 -5.86 3.54 6.48
C ILE A 6 -6.60 2.35 7.10
N LEU A 7 -6.24 1.16 6.65
CA LEU A 7 -6.71 -0.07 7.25
C LEU A 7 -6.14 -0.24 8.65
N GLY A 8 -6.92 -0.84 9.55
CA GLY A 8 -6.52 -0.96 10.93
C GLY A 8 -5.75 -2.22 11.33
N ASN A 9 -5.74 -3.23 10.46
CA ASN A 9 -5.10 -4.52 10.84
C ASN A 9 -3.58 -4.41 11.00
N LEU A 10 -2.95 -3.67 10.09
CA LEU A 10 -1.51 -3.43 10.15
C LEU A 10 -1.29 -1.92 10.04
N PRO A 11 -1.64 -1.19 11.11
CA PRO A 11 -1.76 0.27 11.00
C PRO A 11 -0.42 1.00 10.93
N GLU A 12 0.64 0.43 11.51
CA GLU A 12 1.93 1.10 11.39
C GLU A 12 2.47 0.88 9.98
N MET A 13 2.34 -0.35 9.50
CA MET A 13 2.71 -0.64 8.12
C MET A 13 1.92 0.23 7.15
N ALA A 14 0.62 0.40 7.40
CA ALA A 14 -0.22 1.19 6.50
C ALA A 14 0.23 2.66 6.52
N ARG A 15 0.50 3.19 7.70
CA ARG A 15 0.95 4.57 7.78
C ARG A 15 2.29 4.76 7.07
N ASP A 16 3.20 3.81 7.26
CA ASP A 16 4.49 3.90 6.60
C ASP A 16 4.37 3.76 5.07
N GLU A 17 3.37 3.01 4.59
CA GLU A 17 3.11 2.92 3.15
C GLU A 17 2.72 4.28 2.60
N VAL A 18 1.81 4.96 3.31
CA VAL A 18 1.43 6.31 2.93
C VAL A 18 2.64 7.27 2.98
N LYS A 19 3.43 7.17 4.04
CA LYS A 19 4.66 7.98 4.14
C LYS A 19 5.54 7.78 2.90
N ALA A 20 5.72 6.53 2.49
CA ALA A 20 6.57 6.24 1.34
C ALA A 20 6.02 6.87 0.07
N MET A 21 4.71 6.76 -0.12
CA MET A 21 4.11 7.34 -1.32
C MET A 21 4.14 8.86 -1.28
N LEU A 22 3.96 9.43 -0.10
CA LEU A 22 4.01 10.88 0.03
C LEU A 22 5.42 11.41 -0.24
N GLU A 23 6.43 10.64 0.18
CA GLU A 23 7.81 11.03 -0.11
C GLU A 23 8.05 11.12 -1.62
N LEU A 24 7.54 10.15 -2.37
CA LEU A 24 7.56 10.25 -3.83
C LEU A 24 6.77 11.45 -4.34
N GLY A 25 5.66 11.76 -3.67
CA GLY A 25 4.74 12.80 -4.10
C GLY A 25 5.01 14.18 -3.53
N GLY A 26 6.08 14.32 -2.75
CA GLY A 26 6.48 15.63 -2.24
C GLY A 26 5.66 16.14 -1.07
N GLY A 27 5.20 15.23 -0.22
CA GLY A 27 4.35 15.63 0.89
C GLY A 27 4.66 14.88 2.17
N GLU A 28 3.83 15.07 3.19
CA GLU A 28 4.00 14.33 4.43
C GLU A 28 2.74 14.33 5.25
N ILE A 29 2.67 13.36 6.15
CA ILE A 29 1.60 13.28 7.14
C ILE A 29 1.83 14.33 8.20
N ILE A 30 0.80 15.09 8.56
CA ILE A 30 0.98 16.08 9.61
C ILE A 30 0.11 15.83 10.84
N GLY A 31 -0.81 14.87 10.75
CA GLY A 31 -1.62 14.51 11.90
C GLY A 31 -2.31 13.18 11.73
N GLN A 32 -2.71 12.57 12.84
CA GLN A 32 -3.45 11.31 12.80
C GLN A 32 -4.53 11.31 13.88
N ASP A 33 -5.74 10.94 13.47
CA ASP A 33 -6.91 10.89 14.35
C ASP A 33 -7.50 9.49 14.13
N TYR A 34 -7.23 8.57 15.03
CA TYR A 34 -7.58 7.16 14.86
C TYR A 34 -6.90 6.63 13.58
N LEU A 35 -7.66 6.16 12.64
CA LEU A 35 -7.09 5.80 11.33
C LEU A 35 -7.24 6.78 10.16
N PHE A 36 -7.48 8.03 10.53
CA PHE A 36 -7.56 9.15 9.60
C PHE A 36 -6.24 9.90 9.63
N LEU A 37 -5.59 10.03 8.48
CA LEU A 37 -4.33 10.78 8.36
C LEU A 37 -4.58 12.10 7.66
N LYS A 38 -4.16 13.18 8.32
CA LYS A 38 -4.16 14.51 7.72
C LYS A 38 -2.87 14.70 6.96
N VAL A 39 -2.97 15.08 5.69
CA VAL A 39 -1.84 15.01 4.80
C VAL A 39 -1.54 16.34 4.15
N ASP A 40 -0.30 16.78 4.28
CA ASP A 40 0.17 18.01 3.64
C ASP A 40 0.80 17.63 2.29
N ALA A 41 0.00 17.64 1.24
CA ALA A 41 0.46 17.31 -0.11
C ALA A 41 -0.53 17.82 -1.14
N GLY A 42 -0.15 17.75 -2.40
CA GLY A 42 -1.03 18.19 -3.48
C GLY A 42 -1.18 17.18 -4.58
N GLU A 43 -1.72 17.62 -5.72
CA GLU A 43 -2.03 16.75 -6.83
C GLU A 43 -0.84 15.91 -7.31
N LYS A 44 0.37 16.39 -7.07
CA LYS A 44 1.57 15.65 -7.44
C LYS A 44 1.61 14.27 -6.78
N ALA A 45 1.00 14.17 -5.61
CA ALA A 45 1.01 12.93 -4.84
C ALA A 45 -0.06 11.93 -5.30
N PHE A 46 -1.06 12.40 -6.03
CA PHE A 46 -2.16 11.53 -6.46
C PHE A 46 -1.72 10.21 -7.15
N PRO A 47 -0.79 10.28 -8.13
CA PRO A 47 -0.42 9.01 -8.77
C PRO A 47 0.24 8.03 -7.82
N PHE A 48 0.86 8.53 -6.76
CA PHE A 48 1.51 7.66 -5.80
C PHE A 48 0.50 7.14 -4.78
N LEU A 49 -0.37 8.02 -4.29
CA LEU A 49 -1.44 7.57 -3.41
C LEU A 49 -2.34 6.55 -4.10
N ASP A 50 -2.50 6.67 -5.42
CA ASP A 50 -3.28 5.72 -6.20
C ASP A 50 -2.74 4.29 -6.06
N ARG A 51 -1.47 4.18 -5.68
CA ARG A 51 -0.80 2.87 -5.56
C ARG A 51 -1.10 2.12 -4.28
N LEU A 52 -1.70 2.80 -3.29
CA LEU A 52 -1.79 2.21 -1.94
C LEU A 52 -2.51 0.86 -1.86
N GLY A 53 -1.99 -0.02 -1.01
CA GLY A 53 -2.59 -1.31 -0.74
C GLY A 53 -3.24 -1.41 0.63
N LEU A 54 -2.85 -0.56 1.57
CA LEU A 54 -3.41 -0.66 2.92
C LEU A 54 -4.22 0.58 3.30
N ALA A 55 -4.85 1.21 2.31
CA ALA A 55 -5.71 2.35 2.59
C ALA A 55 -7.14 2.11 2.06
N HIS A 56 -8.12 2.68 2.76
CA HIS A 56 -9.51 2.60 2.34
C HIS A 56 -9.85 3.62 1.27
N GLU A 57 -9.31 4.83 1.42
CA GLU A 57 -9.57 5.92 0.46
C GLU A 57 -8.66 7.10 0.72
N TYR A 58 -8.59 8.01 -0.24
CA TYR A 58 -8.01 9.31 0.03
C TYR A 58 -8.82 10.39 -0.68
N GLY A 59 -8.65 11.62 -0.23
CA GLY A 59 -9.27 12.73 -0.91
C GLY A 59 -8.77 14.07 -0.45
N LEU A 60 -9.50 15.11 -0.84
CA LEU A 60 -9.24 16.48 -0.43
C LEU A 60 -9.80 16.73 0.94
N LEU A 61 -9.00 17.35 1.80
CA LEU A 61 -9.46 17.73 3.14
C LEU A 61 -9.75 19.23 3.13
N LEU A 62 -11.01 19.60 3.31
CA LEU A 62 -11.42 21.02 3.14
C LEU A 62 -11.76 21.73 4.45
N VAL A 63 -12.25 20.96 5.43
CA VAL A 63 -12.64 21.52 6.73
C VAL A 63 -12.18 20.64 7.89
N GLU A 64 -11.61 21.26 8.93
CA GLU A 64 -11.43 20.58 10.21
C GLU A 64 -12.11 21.39 11.30
N ALA A 65 -12.80 20.72 12.20
CA ALA A 65 -13.52 21.42 13.27
C ALA A 65 -13.59 20.60 14.55
N ASP A 66 -13.94 21.30 15.63
CA ASP A 66 -14.02 20.66 16.94
C ASP A 66 -15.48 20.59 17.40
N SER A 67 -16.39 20.93 16.51
CA SER A 67 -17.81 20.72 16.73
C SER A 67 -18.57 20.75 15.41
N VAL A 68 -19.77 20.18 15.40
CA VAL A 68 -20.64 20.24 14.22
C VAL A 68 -20.95 21.68 13.84
N GLU A 69 -21.29 22.50 14.84
CA GLU A 69 -21.54 23.90 14.60
C GLU A 69 -20.36 24.54 13.86
N GLU A 70 -19.14 24.26 14.31
CA GLU A 70 -17.94 24.82 13.69
C GLU A 70 -17.73 24.23 12.29
N LEU A 71 -17.98 22.94 12.16
CA LEU A 71 -17.86 22.27 10.87
C LEU A 71 -18.78 22.93 9.83
N LEU A 72 -20.03 23.16 10.20
CA LEU A 72 -20.99 23.74 9.27
C LEU A 72 -20.66 25.20 8.94
N GLN A 73 -20.17 25.94 9.92
CA GLN A 73 -19.77 27.32 9.70
C GLN A 73 -18.59 27.42 8.73
N LYS A 74 -17.56 26.63 8.95
CA LYS A 74 -16.40 26.67 8.08
C LYS A 74 -16.74 26.16 6.68
N ALA A 75 -17.64 25.17 6.62
CA ALA A 75 -18.03 24.60 5.35
C ALA A 75 -18.70 25.65 4.46
N GLY A 76 -19.31 26.65 5.09
CA GLY A 76 -19.92 27.73 4.35
C GLY A 76 -18.90 28.70 3.77
N GLU A 77 -17.70 28.70 4.33
CA GLU A 77 -16.65 29.64 3.91
C GLU A 77 -15.67 28.98 2.94
N VAL A 78 -15.92 27.72 2.63
CA VAL A 78 -15.09 26.98 1.69
C VAL A 78 -15.74 26.96 0.32
N GLU A 79 -14.93 27.16 -0.72
CA GLU A 79 -15.38 26.91 -2.08
C GLU A 79 -15.30 25.42 -2.38
N TRP A 80 -16.45 24.76 -2.47
CA TRP A 80 -16.49 23.32 -2.72
C TRP A 80 -16.35 22.99 -4.21
N PRO A 81 -15.29 22.25 -4.58
CA PRO A 81 -15.04 21.85 -5.97
C PRO A 81 -15.91 20.67 -6.41
N ILE A 82 -17.22 20.81 -6.29
CA ILE A 82 -18.13 19.71 -6.59
C ILE A 82 -18.27 19.48 -8.09
N LYS A 83 -18.15 18.22 -8.50
CA LYS A 83 -18.38 17.83 -9.89
C LYS A 83 -19.73 17.16 -10.03
N GLY A 84 -20.61 17.72 -10.85
CA GLY A 84 -21.92 17.13 -11.05
C GLY A 84 -22.72 17.16 -9.77
N ALA A 85 -23.51 16.11 -9.53
CA ALA A 85 -24.31 16.03 -8.31
C ALA A 85 -23.47 15.44 -7.18
N PHE A 86 -23.84 15.73 -5.94
CA PHE A 86 -23.08 15.20 -4.82
C PHE A 86 -23.98 14.56 -3.77
N LYS A 87 -23.36 13.88 -2.82
CA LYS A 87 -24.05 13.48 -1.61
C LYS A 87 -23.03 13.52 -0.50
N VAL A 88 -23.51 13.62 0.74
CA VAL A 88 -22.64 13.58 1.91
C VAL A 88 -22.69 12.19 2.53
N ASP A 89 -21.52 11.67 2.85
CA ASP A 89 -21.41 10.33 3.40
C ASP A 89 -20.49 10.42 4.60
N THR A 90 -21.01 10.19 5.80
CA THR A 90 -20.19 10.28 7.00
C THR A 90 -19.57 8.96 7.37
N GLU A 91 -18.33 9.04 7.84
CA GLU A 91 -17.63 7.88 8.33
C GLU A 91 -17.45 8.06 9.83
N THR A 92 -18.19 7.27 10.59
CA THR A 92 -18.06 7.30 12.04
C THR A 92 -16.95 6.35 12.49
N MET A 93 -15.81 6.91 12.92
CA MET A 93 -14.70 6.10 13.41
C MET A 93 -14.96 5.68 14.86
N ALA A 94 -14.20 4.69 15.32
CA ALA A 94 -14.43 4.11 16.63
C ALA A 94 -14.30 5.14 17.75
N ASN A 95 -13.51 6.18 17.52
CA ASN A 95 -13.28 7.21 18.52
C ASN A 95 -14.09 8.49 18.30
N CYS A 96 -15.16 8.39 17.52
CA CYS A 96 -16.05 9.55 17.28
C CYS A 96 -16.55 10.18 18.58
N ARG A 97 -16.36 11.49 18.71
CA ARG A 97 -16.80 12.21 19.91
C ARG A 97 -17.88 13.24 19.62
N HIS A 98 -18.62 13.03 18.54
CA HIS A 98 -19.58 14.03 18.10
C HIS A 98 -20.89 13.40 17.67
N ASP A 99 -21.99 14.10 17.92
CA ASP A 99 -23.28 13.68 17.41
C ASP A 99 -23.37 14.10 15.96
N VAL A 100 -23.32 13.14 15.05
CA VAL A 100 -23.36 13.46 13.64
C VAL A 100 -24.65 12.93 13.00
N LEU A 101 -25.63 12.64 13.84
CA LEU A 101 -26.95 12.28 13.33
C LEU A 101 -27.48 13.44 12.51
N ASP A 102 -27.94 13.13 11.30
CA ASP A 102 -28.48 14.12 10.36
C ASP A 102 -27.42 15.09 9.83
N LEU A 103 -26.15 14.82 10.07
CA LEU A 103 -25.12 15.69 9.51
C LEU A 103 -25.11 15.71 7.97
N PRO A 104 -25.40 14.55 7.31
CA PRO A 104 -25.38 14.64 5.85
C PRO A 104 -26.41 15.62 5.30
N ARG A 105 -27.58 15.65 5.93
CA ARG A 105 -28.61 16.60 5.57
C ARG A 105 -28.16 18.04 5.84
N LYS A 106 -27.58 18.29 7.02
CA LYS A 106 -27.13 19.64 7.36
C LYS A 106 -26.00 20.13 6.47
N LEU A 107 -24.93 19.33 6.34
CA LEU A 107 -23.83 19.75 5.49
C LEU A 107 -24.30 19.84 4.04
N GLY A 108 -25.16 18.92 3.64
CA GLY A 108 -25.75 18.96 2.30
C GLY A 108 -26.43 20.28 1.99
N ALA A 109 -27.18 20.82 2.96
CA ALA A 109 -27.85 22.09 2.76
C ALA A 109 -26.87 23.23 2.56
N VAL A 110 -25.76 23.19 3.29
CA VAL A 110 -24.75 24.23 3.19
C VAL A 110 -24.12 24.22 1.81
N ILE A 111 -23.78 23.03 1.35
CA ILE A 111 -23.13 22.89 0.05
C ILE A 111 -24.11 23.09 -1.10
N HIS A 112 -25.33 22.58 -0.94
CA HIS A 112 -26.38 22.77 -1.95
C HIS A 112 -26.61 24.27 -2.24
N ALA A 113 -26.49 25.09 -1.21
CA ALA A 113 -26.70 26.53 -1.35
C ALA A 113 -25.64 27.22 -2.21
N GLN A 114 -24.53 26.52 -2.48
CA GLN A 114 -23.48 27.06 -3.34
C GLN A 114 -23.73 26.75 -4.82
N GLY A 115 -24.88 26.15 -5.11
CA GLY A 115 -25.27 25.89 -6.48
C GLY A 115 -24.98 24.49 -6.94
N PHE A 116 -25.02 23.54 -6.02
CA PHE A 116 -24.78 22.13 -6.36
C PHE A 116 -26.00 21.30 -5.99
N ARG A 117 -26.36 20.37 -6.86
CA ARG A 117 -27.53 19.53 -6.62
C ARG A 117 -27.14 18.22 -5.93
N VAL A 118 -28.07 17.68 -5.17
CA VAL A 118 -27.86 16.45 -4.41
C VAL A 118 -28.43 15.24 -5.14
N ASN A 119 -27.63 14.20 -5.29
CA ASN A 119 -28.14 12.93 -5.79
C ASN A 119 -27.74 11.81 -4.84
N LEU A 120 -28.71 11.32 -4.07
CA LEU A 120 -28.41 10.35 -3.02
C LEU A 120 -28.07 8.96 -3.56
N SER A 121 -28.61 8.60 -4.73
CA SER A 121 -28.42 7.25 -5.23
C SER A 121 -27.27 7.14 -6.22
N LYS A 122 -27.04 8.19 -7.01
CA LYS A 122 -25.88 8.20 -7.91
C LYS A 122 -25.15 9.54 -7.94
N PRO A 123 -24.42 9.86 -6.86
CA PRO A 123 -23.59 11.07 -6.83
C PRO A 123 -22.38 11.00 -7.76
N ASP A 124 -22.03 12.12 -8.35
CA ASP A 124 -20.80 12.21 -9.13
C ASP A 124 -19.66 12.55 -8.19
N THR A 125 -19.99 13.20 -7.08
CA THR A 125 -18.99 13.61 -6.10
C THR A 125 -19.47 13.17 -4.73
N VAL A 126 -18.59 12.51 -3.98
CA VAL A 126 -18.92 12.12 -2.62
C VAL A 126 -18.20 13.04 -1.65
N VAL A 127 -18.97 13.85 -0.93
CA VAL A 127 -18.45 14.66 0.16
C VAL A 127 -18.39 13.76 1.39
N ARG A 128 -17.24 13.72 2.04
CA ARG A 128 -17.03 12.84 3.17
C ARG A 128 -16.87 13.63 4.43
N VAL A 129 -17.44 13.12 5.51
CA VAL A 129 -17.17 13.65 6.83
C VAL A 129 -16.61 12.51 7.66
N TYR A 130 -15.44 12.73 8.26
CA TYR A 130 -14.88 11.78 9.22
C TYR A 130 -15.05 12.31 10.63
N CYS A 131 -15.52 11.47 11.53
CA CYS A 131 -15.68 11.87 12.91
C CYS A 131 -14.75 11.05 13.79
N GLY A 132 -13.79 11.72 14.40
CA GLY A 132 -12.94 11.08 15.40
C GLY A 132 -12.93 11.98 16.62
N GLU A 133 -11.74 12.28 17.13
CA GLU A 133 -11.63 13.30 18.18
C GLU A 133 -12.08 14.65 17.63
N ARG A 134 -11.81 14.86 16.35
CA ARG A 134 -12.26 16.05 15.65
C ARG A 134 -13.14 15.66 14.45
N LEU A 135 -13.68 16.67 13.78
CA LEU A 135 -14.48 16.45 12.59
C LEU A 135 -13.75 16.96 11.37
N TYR A 136 -13.83 16.20 10.29
CA TYR A 136 -13.15 16.55 9.06
C TYR A 136 -14.11 16.44 7.91
N ALA A 137 -14.06 17.38 6.98
CA ALA A 137 -14.92 17.30 5.81
C ALA A 137 -14.12 17.56 4.55
N GLY A 138 -14.42 16.82 3.50
CA GLY A 138 -13.77 17.00 2.22
C GLY A 138 -14.44 16.23 1.11
N ILE A 139 -13.65 15.89 0.10
CA ILE A 139 -14.16 15.20 -1.07
C ILE A 139 -13.33 13.95 -1.34
N ARG A 140 -13.99 12.82 -1.53
CA ARG A 140 -13.25 11.60 -1.82
C ARG A 140 -12.72 11.63 -3.25
N LEU A 141 -11.44 11.29 -3.41
CA LEU A 141 -10.83 11.27 -4.75
C LEU A 141 -10.65 9.85 -5.25
N ARG A 142 -10.43 8.92 -4.33
CA ARG A 142 -10.31 7.52 -4.72
C ARG A 142 -10.78 6.61 -3.58
N TYR A 143 -11.64 5.66 -3.91
CA TYR A 143 -12.00 4.59 -2.98
C TYR A 143 -11.27 3.32 -3.38
N PHE A 144 -10.64 2.65 -2.42
CA PHE A 144 -9.99 1.36 -2.71
C PHE A 144 -10.91 0.25 -2.30
N ASP A 145 -11.55 -0.38 -3.28
CA ASP A 145 -12.56 -1.41 -2.99
C ASP A 145 -11.87 -2.72 -2.57
N PRO A 146 -12.18 -3.22 -1.36
CA PRO A 146 -11.58 -4.46 -0.89
C PRO A 146 -11.81 -5.61 -1.86
N LYS A 147 -12.94 -5.55 -2.56
CA LYS A 147 -13.33 -6.56 -3.54
C LYS A 147 -12.29 -6.76 -4.62
N ASP A 148 -11.69 -5.67 -5.08
CA ASP A 148 -10.69 -5.74 -6.14
C ASP A 148 -9.49 -6.60 -5.72
N PHE A 149 -9.09 -6.48 -4.46
CA PHE A 149 -7.99 -7.27 -3.93
C PHE A 149 -8.41 -8.71 -3.67
N GLU A 150 -9.58 -8.92 -3.07
CA GLU A 150 -10.04 -10.29 -2.85
C GLU A 150 -10.12 -11.07 -4.15
N LYS A 151 -10.46 -10.38 -5.25
CA LYS A 151 -10.58 -11.02 -6.55
C LYS A 151 -9.24 -11.51 -7.12
N ARG A 152 -8.13 -11.04 -6.56
CA ARG A 152 -6.80 -11.43 -7.03
C ARG A 152 -6.14 -12.42 -6.08
N LYS A 153 -6.91 -12.98 -5.15
CA LYS A 153 -6.36 -14.01 -4.29
C LYS A 153 -6.04 -15.25 -5.12
N ALA A 154 -5.25 -16.14 -4.55
CA ALA A 154 -4.58 -17.19 -5.33
C ALA A 154 -5.53 -18.07 -6.12
N HIS A 155 -6.68 -18.41 -5.55
CA HIS A 155 -7.60 -19.33 -6.21
C HIS A 155 -8.33 -18.74 -7.41
N HIS A 156 -8.16 -17.44 -7.64
CA HIS A 156 -8.71 -16.81 -8.83
C HIS A 156 -7.69 -16.75 -9.97
N ARG A 157 -6.46 -17.17 -9.70
CA ARG A 157 -5.41 -17.13 -10.72
C ARG A 157 -5.39 -18.42 -11.51
N PRO A 158 -5.00 -18.34 -12.79
CA PRO A 158 -4.96 -19.55 -13.62
C PRO A 158 -3.97 -20.60 -13.09
N PHE A 159 -2.85 -20.13 -12.53
CA PHE A 159 -1.91 -21.00 -11.82
C PHE A 159 -2.13 -20.82 -10.34
N PHE A 160 -2.87 -21.75 -9.74
CA PHE A 160 -3.25 -21.64 -8.34
C PHE A 160 -2.29 -22.37 -7.42
N ARG A 161 -1.67 -21.59 -6.53
CA ARG A 161 -0.91 -22.14 -5.41
C ARG A 161 -1.25 -21.29 -4.18
N PRO A 162 -1.66 -21.95 -3.08
CA PRO A 162 -2.12 -21.21 -1.89
C PRO A 162 -0.94 -20.71 -1.07
N ILE A 163 -0.04 -19.97 -1.70
CA ILE A 163 1.24 -19.65 -1.07
C ILE A 163 1.59 -18.15 -1.15
N SER A 164 0.61 -17.34 -1.50
CA SER A 164 0.84 -15.90 -1.60
C SER A 164 0.41 -15.15 -0.33
N LEU A 165 1.01 -13.97 -0.13
CA LEU A 165 0.55 -12.99 0.85
C LEU A 165 -0.81 -12.46 0.41
N HIS A 166 -1.53 -11.76 1.28
CA HIS A 166 -2.73 -11.07 0.83
C HIS A 166 -2.30 -10.06 -0.22
N PRO A 167 -3.06 -9.93 -1.32
CA PRO A 167 -2.69 -8.97 -2.37
C PRO A 167 -2.46 -7.55 -1.85
N ARG A 168 -3.21 -7.14 -0.84
CA ARG A 168 -3.00 -5.80 -0.26
C ARG A 168 -1.63 -5.68 0.39
N VAL A 169 -1.19 -6.75 1.04
CA VAL A 169 0.12 -6.75 1.70
C VAL A 169 1.23 -6.88 0.66
N SER A 170 1.03 -7.69 -0.37
CA SER A 170 1.99 -7.75 -1.47
C SER A 170 2.20 -6.36 -2.08
N ARG A 171 1.09 -5.66 -2.34
CA ARG A 171 1.15 -4.31 -2.87
C ARG A 171 1.88 -3.36 -1.92
N ALA A 172 1.56 -3.43 -0.63
CA ALA A 172 2.19 -2.55 0.34
C ALA A 172 3.72 -2.77 0.39
N LEU A 173 4.15 -4.03 0.31
CA LEU A 173 5.58 -4.34 0.30
C LEU A 173 6.26 -3.67 -0.88
N VAL A 174 5.68 -3.79 -2.07
CA VAL A 174 6.22 -3.10 -3.24
C VAL A 174 6.33 -1.58 -2.95
N ASN A 175 5.27 -0.99 -2.41
CA ASN A 175 5.29 0.46 -2.20
C ASN A 175 6.29 0.90 -1.12
N LEU A 176 6.48 0.09 -0.09
CA LEU A 176 7.41 0.44 0.97
C LEU A 176 8.85 0.53 0.47
N THR A 177 9.12 -0.06 -0.71
CA THR A 177 10.44 0.08 -1.32
C THR A 177 10.56 1.37 -2.12
N LYS A 178 9.43 2.04 -2.34
CA LYS A 178 9.35 3.26 -3.17
C LYS A 178 9.81 3.07 -4.62
N ALA A 179 9.74 1.84 -5.13
CA ALA A 179 10.12 1.57 -6.51
C ALA A 179 9.26 2.40 -7.47
N THR A 180 9.91 3.03 -8.46
CA THR A 180 9.18 3.81 -9.46
C THR A 180 9.41 3.30 -10.87
N ARG A 181 10.44 2.48 -11.05
CA ARG A 181 10.75 1.93 -12.37
C ARG A 181 10.64 0.41 -12.41
N GLU A 182 11.17 -0.25 -11.40
CA GLU A 182 11.30 -1.70 -11.46
C GLU A 182 11.40 -2.35 -10.09
N ILE A 183 11.21 -3.66 -10.07
CA ILE A 183 11.41 -4.41 -8.84
C ILE A 183 11.69 -5.86 -9.15
N LEU A 184 12.51 -6.47 -8.29
CA LEU A 184 12.89 -7.87 -8.40
C LEU A 184 12.32 -8.67 -7.24
N ASP A 185 11.78 -9.86 -7.54
CA ASP A 185 11.39 -10.82 -6.52
C ASP A 185 12.15 -12.12 -6.81
N PRO A 186 13.21 -12.40 -6.02
CA PRO A 186 14.04 -13.58 -6.30
C PRO A 186 13.54 -14.89 -5.69
N PHE A 187 12.38 -14.86 -5.02
CA PHE A 187 11.68 -16.06 -4.58
C PHE A 187 10.24 -15.98 -5.06
N MET A 188 10.01 -15.85 -6.36
CA MET A 188 8.75 -15.27 -6.82
C MET A 188 7.51 -16.15 -6.69
N GLY A 189 7.70 -17.46 -6.60
CA GLY A 189 6.60 -18.40 -6.48
C GLY A 189 5.57 -18.26 -7.59
N ALA A 190 4.29 -18.16 -7.22
CA ALA A 190 3.21 -18.00 -8.21
C ALA A 190 3.11 -16.56 -8.74
N GLY A 191 3.96 -15.68 -8.22
CA GLY A 191 4.10 -14.32 -8.74
C GLY A 191 3.23 -13.27 -8.06
N GLY A 192 2.76 -13.55 -6.84
CA GLY A 192 1.87 -12.62 -6.14
C GLY A 192 2.38 -11.19 -6.00
N ILE A 193 3.66 -11.05 -5.62
CA ILE A 193 4.24 -9.71 -5.47
C ILE A 193 4.47 -9.08 -6.83
N LEU A 194 4.89 -9.89 -7.80
CA LEU A 194 5.18 -9.34 -9.12
C LEU A 194 3.89 -8.93 -9.84
N ILE A 195 2.79 -9.63 -9.55
CA ILE A 195 1.49 -9.22 -10.07
C ILE A 195 1.16 -7.81 -9.58
N GLU A 196 1.30 -7.55 -8.29
CA GLU A 196 0.97 -6.20 -7.79
C GLU A 196 1.91 -5.15 -8.40
N ALA A 197 3.21 -5.44 -8.41
CA ALA A 197 4.17 -4.50 -9.00
C ALA A 197 3.84 -4.21 -10.46
N GLY A 198 3.47 -5.25 -11.21
CA GLY A 198 3.19 -5.12 -12.63
C GLY A 198 1.93 -4.31 -12.85
N LEU A 199 0.93 -4.54 -12.02
CA LEU A 199 -0.30 -3.75 -12.07
C LEU A 199 -0.07 -2.28 -11.75
N LEU A 200 1.00 -1.99 -10.99
CA LEU A 200 1.38 -0.62 -10.67
C LEU A 200 2.18 0.00 -11.80
N GLY A 201 2.45 -0.77 -12.85
CA GLY A 201 3.11 -0.24 -14.01
C GLY A 201 4.61 -0.39 -13.96
N LEU A 202 5.11 -1.13 -12.96
CA LEU A 202 6.56 -1.36 -12.86
C LEU A 202 7.07 -2.47 -13.77
N ARG A 203 8.32 -2.33 -14.20
CA ARG A 203 9.05 -3.42 -14.84
C ARG A 203 9.35 -4.46 -13.77
N VAL A 204 9.17 -5.75 -14.06
CA VAL A 204 9.40 -6.74 -13.02
C VAL A 204 10.39 -7.80 -13.44
N TYR A 205 11.15 -8.26 -12.46
CA TYR A 205 12.10 -9.35 -12.61
C TYR A 205 11.78 -10.40 -11.57
N GLY A 206 11.87 -11.67 -11.95
CA GLY A 206 11.59 -12.72 -10.99
C GLY A 206 12.57 -13.87 -11.13
N VAL A 207 12.83 -14.55 -10.02
CA VAL A 207 13.59 -15.80 -10.02
C VAL A 207 12.83 -16.84 -9.21
N ASP A 208 12.90 -18.10 -9.62
CA ASP A 208 12.48 -19.19 -8.75
C ASP A 208 13.33 -20.39 -9.09
N ILE A 209 13.63 -21.20 -8.07
CA ILE A 209 14.43 -22.42 -8.27
C ILE A 209 13.64 -23.56 -8.92
N ARG A 210 12.31 -23.44 -8.95
CA ARG A 210 11.46 -24.50 -9.52
C ARG A 210 10.92 -24.09 -10.89
N PRO A 211 11.16 -24.93 -11.91
CA PRO A 211 10.65 -24.68 -13.25
C PRO A 211 9.14 -24.46 -13.28
N GLU A 212 8.40 -25.20 -12.47
CA GLU A 212 6.95 -25.08 -12.47
C GLU A 212 6.49 -23.70 -12.00
N MET A 213 7.29 -23.08 -11.14
CA MET A 213 6.96 -21.74 -10.66
C MET A 213 7.33 -20.69 -11.71
N VAL A 214 8.46 -20.89 -12.38
CA VAL A 214 8.83 -19.99 -13.44
C VAL A 214 7.74 -19.97 -14.52
N GLU A 215 7.23 -21.15 -14.86
CA GLU A 215 6.17 -21.28 -15.83
C GLU A 215 4.87 -20.68 -15.27
N GLY A 216 4.56 -21.04 -14.03
CA GLY A 216 3.31 -20.63 -13.42
C GLY A 216 3.20 -19.12 -13.18
N ALA A 217 4.29 -18.51 -12.72
CA ALA A 217 4.29 -17.06 -12.52
C ALA A 217 4.05 -16.34 -13.85
N GLU A 218 4.65 -16.84 -14.92
CA GLU A 218 4.45 -16.21 -16.22
C GLU A 218 2.98 -16.33 -16.62
N THR A 219 2.38 -17.50 -16.39
CA THR A 219 0.96 -17.70 -16.70
C THR A 219 0.10 -16.66 -15.97
N ASN A 220 0.40 -16.47 -14.70
CA ASN A 220 -0.34 -15.49 -13.90
C ASN A 220 -0.06 -14.05 -14.33
N LEU A 221 1.19 -13.74 -14.64
CA LEU A 221 1.52 -12.37 -15.04
C LEU A 221 0.81 -12.02 -16.35
N LYS A 222 0.79 -12.95 -17.29
CA LYS A 222 0.04 -12.74 -18.53
C LYS A 222 -1.45 -12.53 -18.25
N HIS A 223 -1.98 -13.33 -17.34
CA HIS A 223 -3.40 -13.28 -16.99
C HIS A 223 -3.81 -11.87 -16.55
N TYR A 224 -2.91 -11.17 -15.86
CA TYR A 224 -3.21 -9.83 -15.35
C TYR A 224 -2.69 -8.73 -16.27
N GLY A 225 -2.28 -9.10 -17.48
CA GLY A 225 -1.87 -8.13 -18.48
C GLY A 225 -0.54 -7.46 -18.20
N VAL A 226 0.31 -8.13 -17.44
CA VAL A 226 1.64 -7.60 -17.18
C VAL A 226 2.57 -8.07 -18.30
N ARG A 227 3.23 -7.12 -18.97
CA ARG A 227 4.01 -7.46 -20.15
C ARG A 227 5.51 -7.26 -19.93
N ASP A 228 5.84 -6.36 -19.02
CA ASP A 228 7.21 -5.91 -18.86
C ASP A 228 7.92 -6.79 -17.83
N TYR A 229 8.14 -8.05 -18.18
CA TYR A 229 8.72 -8.98 -17.21
C TYR A 229 9.94 -9.75 -17.72
N THR A 230 10.82 -10.11 -16.78
CA THR A 230 11.96 -10.97 -17.03
C THR A 230 11.99 -12.03 -15.93
N LEU A 231 11.73 -13.27 -16.29
CA LEU A 231 11.67 -14.35 -15.31
C LEU A 231 12.78 -15.34 -15.58
N LYS A 232 13.44 -15.80 -14.52
CA LYS A 232 14.55 -16.73 -14.67
C LYS A 232 14.49 -17.90 -13.71
N LEU A 233 14.82 -19.07 -14.23
CA LEU A 233 15.04 -20.26 -13.43
C LEU A 233 16.42 -20.17 -12.78
N GLY A 234 16.47 -20.20 -11.45
CA GLY A 234 17.74 -20.03 -10.77
C GLY A 234 17.64 -19.88 -9.27
N ASP A 235 18.75 -19.47 -8.66
CA ASP A 235 18.94 -19.46 -7.22
C ASP A 235 19.11 -18.03 -6.69
N ALA A 236 18.25 -17.65 -5.74
CA ALA A 236 18.24 -16.32 -5.15
C ALA A 236 19.57 -15.94 -4.47
N THR A 237 20.41 -16.93 -4.19
CA THR A 237 21.70 -16.68 -3.57
C THR A 237 22.78 -16.34 -4.60
N ARG A 238 22.39 -16.36 -5.88
CA ARG A 238 23.35 -16.12 -6.97
C ARG A 238 22.87 -15.03 -7.92
N LEU A 239 22.25 -13.98 -7.38
CA LEU A 239 21.71 -12.93 -8.24
C LEU A 239 22.78 -12.19 -9.02
N GLU A 240 23.98 -12.11 -8.45
CA GLU A 240 25.08 -11.42 -9.12
C GLU A 240 25.42 -12.12 -10.44
N ASP A 241 25.28 -13.44 -10.45
CA ASP A 241 25.61 -14.24 -11.63
C ASP A 241 24.43 -14.29 -12.60
N LEU A 242 23.23 -14.30 -12.04
CA LEU A 242 21.99 -14.28 -12.81
C LEU A 242 21.83 -12.98 -13.60
N PHE A 243 22.15 -11.87 -12.95
CA PHE A 243 21.98 -10.54 -13.53
C PHE A 243 23.30 -9.79 -13.45
N PRO A 244 24.27 -10.19 -14.29
CA PRO A 244 25.67 -9.79 -14.14
C PRO A 244 25.95 -8.27 -14.05
N ASP A 245 25.37 -7.46 -14.93
CA ASP A 245 25.76 -6.05 -14.93
C ASP A 245 24.61 -5.15 -14.52
N LYS A 246 23.84 -5.64 -13.55
CA LYS A 246 22.58 -5.01 -13.18
C LYS A 246 22.54 -4.63 -11.71
N LYS A 247 22.12 -3.40 -11.41
CA LYS A 247 21.80 -3.03 -10.05
C LYS A 247 20.32 -2.70 -10.01
N PHE A 248 19.58 -3.36 -9.13
CA PHE A 248 18.12 -3.20 -9.08
C PHE A 248 17.64 -2.05 -8.22
N GLU A 249 16.54 -1.43 -8.65
CA GLU A 249 15.99 -0.30 -7.92
C GLU A 249 15.43 -0.73 -6.57
N ALA A 250 14.90 -1.95 -6.53
CA ALA A 250 14.16 -2.42 -5.37
C ALA A 250 13.94 -3.92 -5.45
N VAL A 251 13.79 -4.53 -4.29
CA VAL A 251 13.50 -5.96 -4.20
C VAL A 251 12.37 -6.14 -3.19
N ALA A 252 11.38 -6.96 -3.53
CA ALA A 252 10.34 -7.34 -2.58
C ALA A 252 10.08 -8.81 -2.69
N THR A 253 10.00 -9.51 -1.56
CA THR A 253 9.89 -10.96 -1.65
C THR A 253 9.38 -11.59 -0.37
N ASP A 254 8.71 -12.72 -0.53
CA ASP A 254 8.38 -13.58 0.60
C ASP A 254 9.09 -14.92 0.41
N PRO A 255 10.17 -15.16 1.16
CA PRO A 255 10.97 -16.37 0.96
C PRO A 255 10.29 -17.64 1.50
N PRO A 256 10.78 -18.82 1.11
CA PRO A 256 10.24 -20.05 1.70
C PRO A 256 10.42 -20.03 3.21
N TYR A 257 9.46 -20.59 3.95
CA TYR A 257 9.65 -20.80 5.37
C TYR A 257 10.00 -22.27 5.63
N ARG A 266 18.92 -26.67 1.53
CA ARG A 266 19.77 -25.96 2.48
C ARG A 266 19.07 -25.88 3.82
N LYS A 267 19.81 -25.47 4.85
CA LYS A 267 19.17 -25.08 6.09
C LYS A 267 18.60 -23.69 5.89
N ARG A 268 17.48 -23.43 6.54
CA ARG A 268 16.75 -22.17 6.36
C ARG A 268 17.60 -20.92 6.60
N ASP A 269 18.24 -20.87 7.77
CA ASP A 269 18.99 -19.68 8.16
C ASP A 269 20.13 -19.37 7.19
N GLU A 270 20.78 -20.43 6.69
CA GLU A 270 21.85 -20.26 5.72
C GLU A 270 21.32 -19.65 4.41
N LEU A 271 20.19 -20.14 3.94
CA LEU A 271 19.52 -19.56 2.77
C LEU A 271 19.22 -18.08 2.96
N TYR A 272 18.65 -17.75 4.12
CA TYR A 272 18.29 -16.37 4.41
C TYR A 272 19.53 -15.46 4.42
N ARG A 273 20.58 -15.90 5.11
CA ARG A 273 21.82 -15.12 5.18
C ARG A 273 22.42 -14.90 3.80
N LYS A 274 22.49 -15.97 3.01
CA LYS A 274 23.08 -15.89 1.68
C LYS A 274 22.22 -15.06 0.73
N ALA A 275 20.90 -15.16 0.87
CA ALA A 275 19.99 -14.39 0.04
C ALA A 275 20.08 -12.90 0.38
N LEU A 276 20.22 -12.59 1.66
CA LEU A 276 20.38 -11.19 2.07
C LEU A 276 21.66 -10.61 1.49
N ARG A 277 22.73 -11.40 1.51
CA ARG A 277 24.00 -10.93 0.96
C ARG A 277 23.88 -10.75 -0.55
N SER A 278 23.25 -11.72 -1.21
CA SER A 278 23.09 -11.66 -2.66
C SER A 278 22.24 -10.46 -3.09
N ILE A 279 21.12 -10.27 -2.41
CA ILE A 279 20.26 -9.13 -2.67
C ILE A 279 20.98 -7.81 -2.42
N TYR A 280 21.71 -7.71 -1.31
CA TYR A 280 22.45 -6.50 -0.99
C TYR A 280 23.38 -6.13 -2.16
N ASN A 281 24.05 -7.15 -2.68
CA ASN A 281 25.05 -6.93 -3.70
C ASN A 281 24.47 -6.48 -5.04
N VAL A 282 23.19 -6.77 -5.29
CA VAL A 282 22.61 -6.38 -6.57
C VAL A 282 21.66 -5.19 -6.44
N LEU A 283 21.52 -4.66 -5.23
CA LEU A 283 20.72 -3.44 -5.03
C LEU A 283 21.50 -2.18 -5.36
N GLU A 284 20.82 -1.21 -5.97
CA GLU A 284 21.36 0.13 -6.12
C GLU A 284 21.64 0.72 -4.75
N ASP A 285 22.63 1.61 -4.66
CA ASP A 285 22.78 2.38 -3.43
C ASP A 285 21.51 3.20 -3.20
N GLY A 286 20.97 3.15 -1.99
CA GLY A 286 19.73 3.83 -1.69
C GLY A 286 18.53 2.95 -2.01
N GLY A 287 18.80 1.77 -2.60
CA GLY A 287 17.74 0.83 -2.91
C GLY A 287 17.18 0.15 -1.68
N ARG A 288 15.94 -0.33 -1.75
CA ARG A 288 15.31 -0.96 -0.61
C ARG A 288 14.91 -2.40 -0.86
N LEU A 289 14.88 -3.16 0.23
CA LEU A 289 14.41 -4.54 0.24
C LEU A 289 13.25 -4.69 1.21
N ALA A 290 12.12 -5.15 0.70
CA ALA A 290 10.98 -5.51 1.53
C ALA A 290 10.89 -7.02 1.58
N ILE A 291 10.83 -7.59 2.77
CA ILE A 291 10.95 -9.03 2.88
C ILE A 291 10.34 -9.53 4.18
N ALA A 292 9.73 -10.71 4.22
CA ALA A 292 9.23 -11.30 5.44
C ALA A 292 10.13 -12.44 5.88
N PHE A 293 10.32 -12.56 7.19
CA PHE A 293 10.97 -13.74 7.78
C PHE A 293 10.14 -14.19 8.97
N PRO A 294 10.07 -15.50 9.23
CA PRO A 294 9.45 -16.00 10.46
C PRO A 294 10.16 -15.38 11.68
N THR A 295 9.44 -15.21 12.79
CA THR A 295 9.94 -14.41 13.90
C THR A 295 11.13 -15.02 14.61
N ASP A 296 11.34 -16.32 14.42
CA ASP A 296 12.45 -16.98 15.12
C ASP A 296 13.79 -16.83 14.36
N PHE A 297 13.79 -16.11 13.26
CA PHE A 297 15.01 -15.72 12.58
C PHE A 297 15.36 -14.29 12.96
N ASN A 298 16.62 -14.05 13.27
CA ASN A 298 17.03 -12.70 13.66
C ASN A 298 17.22 -11.81 12.42
N GLY A 299 16.13 -11.46 11.76
CA GLY A 299 16.20 -10.76 10.48
C GLY A 299 16.88 -9.41 10.55
N LYS A 300 16.58 -8.66 11.60
CA LYS A 300 17.17 -7.34 11.77
C LYS A 300 18.70 -7.41 11.90
N ALA A 301 19.19 -8.25 12.82
CA ALA A 301 20.62 -8.42 13.03
C ALA A 301 21.34 -8.96 11.80
N GLU A 302 20.75 -9.94 11.14
CA GLU A 302 21.39 -10.57 9.99
C GLU A 302 21.44 -9.62 8.81
N ALA A 303 20.37 -8.88 8.58
CA ALA A 303 20.39 -7.93 7.49
C ALA A 303 21.37 -6.80 7.77
N GLU A 304 21.43 -6.34 9.01
CA GLU A 304 22.33 -5.25 9.33
C GLU A 304 23.78 -5.71 9.26
N ALA A 305 23.99 -7.00 9.47
CA ALA A 305 25.35 -7.56 9.38
C ALA A 305 25.89 -7.49 7.96
N VAL A 306 24.99 -7.47 6.98
CA VAL A 306 25.45 -7.48 5.59
C VAL A 306 25.51 -6.05 5.05
N GLY A 307 25.01 -5.10 5.83
CA GLY A 307 25.13 -3.70 5.48
C GLY A 307 23.83 -2.93 5.40
N PHE A 308 22.70 -3.62 5.54
CA PHE A 308 21.40 -2.96 5.49
C PHE A 308 21.17 -2.07 6.71
N ARG A 309 20.40 -1.00 6.50
CA ARG A 309 19.80 -0.24 7.59
C ARG A 309 18.33 -0.65 7.67
N THR A 310 17.80 -0.77 8.88
CA THR A 310 16.42 -1.19 9.06
C THR A 310 15.48 0.01 9.14
N LEU A 311 14.49 0.07 8.24
CA LEU A 311 13.54 1.19 8.20
C LEU A 311 12.21 0.82 8.83
N GLY A 312 11.86 -0.45 8.78
CA GLY A 312 10.59 -0.89 9.36
C GLY A 312 10.57 -2.36 9.70
N ARG A 313 9.80 -2.70 10.72
CA ARG A 313 9.56 -4.08 11.10
C ARG A 313 8.14 -4.18 11.64
N TYR A 314 7.35 -5.05 11.03
CA TYR A 314 5.94 -5.15 11.36
C TYR A 314 5.54 -6.59 11.63
N TYR A 315 5.02 -6.83 12.83
CA TYR A 315 4.65 -8.17 13.28
C TYR A 315 3.30 -8.65 12.72
N GLN A 316 3.23 -9.93 12.37
CA GLN A 316 1.98 -10.55 11.95
C GLN A 316 1.93 -12.03 12.30
N ARG A 317 0.90 -12.47 13.03
CA ARG A 317 0.71 -13.90 13.17
C ARG A 317 0.00 -14.42 11.92
N VAL A 318 0.58 -15.46 11.32
CA VAL A 318 0.03 -16.10 10.13
C VAL A 318 -1.01 -17.16 10.50
N HIS A 319 -0.60 -18.12 11.31
CA HIS A 319 -1.56 -19.09 11.86
C HIS A 319 -1.12 -19.49 13.26
N LYS A 320 -1.72 -20.56 13.80
CA LYS A 320 -1.53 -20.91 15.20
C LYS A 320 -0.11 -21.31 15.55
N SER A 321 0.68 -21.70 14.56
CA SER A 321 2.07 -22.04 14.84
C SER A 321 3.05 -21.34 13.90
N LEU A 322 2.66 -20.19 13.38
CA LEU A 322 3.55 -19.38 12.55
C LEU A 322 3.35 -17.89 12.76
N GLU A 323 4.44 -17.21 13.09
CA GLU A 323 4.47 -15.74 13.19
C GLU A 323 5.60 -15.22 12.32
N ARG A 324 5.43 -14.01 11.80
CA ARG A 324 6.49 -13.41 10.98
C ARG A 324 6.61 -11.92 11.23
N TYR A 325 7.70 -11.35 10.72
CA TYR A 325 7.77 -9.90 10.55
C TYR A 325 7.88 -9.59 9.08
N PHE A 326 7.25 -8.50 8.67
CA PHE A 326 7.59 -7.83 7.43
C PHE A 326 8.68 -6.79 7.73
N TYR A 327 9.76 -6.82 6.95
CA TYR A 327 10.85 -5.86 7.09
C TYR A 327 10.96 -4.93 5.90
N VAL A 328 11.39 -3.69 6.16
CA VAL A 328 11.87 -2.81 5.09
C VAL A 328 13.33 -2.44 5.40
N PHE A 329 14.23 -2.77 4.48
CA PHE A 329 15.66 -2.52 4.66
C PHE A 329 16.15 -1.59 3.58
N GLU A 330 17.18 -0.81 3.90
CA GLU A 330 17.76 0.13 2.97
C GLU A 330 19.26 -0.10 2.84
N LYS A 331 19.75 -0.16 1.60
CA LYS A 331 21.18 -0.22 1.35
C LYS A 331 21.74 1.19 1.27
#